data_1E6J
#
_entry.id   1E6J
#
_cell.length_a   193.080
_cell.length_b   45.600
_cell.length_c   132.470
_cell.angle_alpha   90.00
_cell.angle_beta   132.41
_cell.angle_gamma   90.00
#
_symmetry.space_group_name_H-M   'C 1 2 1'
#
loop_
_entity.id
_entity.type
_entity.pdbx_description
1 polymer IMMUNOGLOBULIN
2 polymer IMMUNOGLOBULIN
3 polymer 'CAPSID PROTEIN P24'
#
loop_
_entity_poly.entity_id
_entity_poly.type
_entity_poly.pdbx_seq_one_letter_code
_entity_poly.pdbx_strand_id
1 'polypeptide(L)'
;EVQLQQSGAELARPGASVKMSCKASGYTFTSYTMHWVKQRPGQGLEWIGYINPSSGYSNYNQKFKDKATLTADKSSSTAY
MQLSSLTSEDSAVYYCSRPVVRLGYNFDYWGQGSTLTVSSAKTTPPSVYPLAPGSAAQTNSMVTLGCLVKGYFPEPVTVT
WNSGSLSSGVHTFPAVLQSDLYTLSSSVTVPSSTWPSETVTCNVAHPASSTKVDKKIVP
;
H
2 'polypeptide(L)'
;EIVLTQSPAITAASLGQKVTITCSASSSVSYMHWYQQKSGTSPKPWIYEISKLASGVPARFSGSGSGTSYSLTISSMEAE
DAAIYYCQQWNYPFTFGSGTKLEIKRADAAPTVSIFPPSSEQLTSGGASVVCFLNNFYPKDINVKWKIDGSERQNGVLNS
WTDQDSKDSTYSMSSTLTLTKDEYERHNSYTCEATHKTSTSPIVKSFNRN
;
L
3 'polypeptide(L)'
;VHQAISPRTLNAWVKVVEEKAFSPEVIPMFSALSEGATPQDLNTMLNTVGGHQAAMQMLKETINEEAAEWDRVHPVHAGP
IAPGQMREPRGSDIAGTTSTLQEQIGWMTNNPPIPVGEIYKRWIILGLNKIVRMYSPTSILDIRQGPKEPFRDYVDRFYK
TLRAEQASQEVKNWMTETLLVQNANPDCKTILKALGPAATLEEMMTACQG
;
P
#
# COMPACT_ATOMS: atom_id res chain seq x y z
N GLU A 1 14.17 3.75 -15.01
CA GLU A 1 14.57 4.49 -13.79
C GLU A 1 13.32 5.10 -13.17
N VAL A 2 12.72 4.36 -12.25
CA VAL A 2 11.53 4.84 -11.56
C VAL A 2 12.06 5.36 -10.23
N GLN A 3 11.79 6.63 -9.94
CA GLN A 3 12.29 7.23 -8.70
C GLN A 3 11.26 7.96 -7.87
N LEU A 4 11.49 7.96 -6.56
CA LEU A 4 10.62 8.62 -5.60
C LEU A 4 11.51 9.45 -4.68
N GLN A 5 11.44 10.77 -4.82
CA GLN A 5 12.24 11.68 -4.02
C GLN A 5 11.36 12.32 -2.94
N GLN A 6 11.57 11.92 -1.69
CA GLN A 6 10.77 12.47 -0.58
C GLN A 6 11.38 13.76 -0.06
N SER A 7 10.57 14.53 0.67
CA SER A 7 11.03 15.81 1.24
C SER A 7 11.98 15.61 2.41
N GLY A 8 12.56 16.71 2.89
CA GLY A 8 13.50 16.65 3.99
C GLY A 8 12.87 16.41 5.35
N ALA A 9 13.72 16.32 6.37
CA ALA A 9 13.28 16.09 7.74
C ALA A 9 12.46 17.27 8.26
N GLU A 10 11.54 17.00 9.18
CA GLU A 10 10.67 18.02 9.74
C GLU A 10 10.73 18.08 11.26
N LEU A 11 10.42 19.26 11.80
CA LEU A 11 10.39 19.53 13.24
C LEU A 11 9.21 20.48 13.49
N ALA A 12 8.22 20.03 14.24
CA ALA A 12 7.05 20.86 14.51
C ALA A 12 6.56 20.73 15.95
N ARG A 13 5.91 21.79 16.43
CA ARG A 13 5.37 21.83 17.79
C ARG A 13 4.29 20.78 18.01
N PRO A 14 4.18 20.27 19.25
CA PRO A 14 3.15 19.27 19.56
C PRO A 14 1.79 19.94 19.42
N GLY A 15 0.89 19.30 18.67
CA GLY A 15 -0.44 19.86 18.47
C GLY A 15 -0.59 20.52 17.11
N ALA A 16 0.53 20.76 16.42
CA ALA A 16 0.51 21.38 15.11
C ALA A 16 0.26 20.35 14.01
N SER A 17 0.58 20.73 12.77
CA SER A 17 0.40 19.87 11.61
C SER A 17 1.66 19.91 10.75
N VAL A 18 1.71 19.06 9.73
CA VAL A 18 2.85 19.00 8.84
C VAL A 18 2.44 18.33 7.53
N LYS A 19 3.10 18.69 6.43
CA LYS A 19 2.79 18.11 5.13
C LYS A 19 4.06 17.68 4.40
N MET A 20 4.23 16.37 4.23
CA MET A 20 5.39 15.81 3.55
C MET A 20 5.09 15.69 2.06
N SER A 21 6.12 15.43 1.28
CA SER A 21 5.95 15.28 -0.17
C SER A 21 6.77 14.13 -0.74
N CYS A 22 6.42 13.73 -1.95
CA CYS A 22 7.10 12.65 -2.66
C CYS A 22 6.96 12.92 -4.16
N LYS A 23 8.07 13.29 -4.80
CA LYS A 23 8.08 13.58 -6.22
C LYS A 23 8.44 12.32 -7.02
N ALA A 24 7.48 11.85 -7.80
CA ALA A 24 7.65 10.65 -8.62
C ALA A 24 8.24 11.01 -9.98
N SER A 25 8.96 10.06 -10.58
CA SER A 25 9.58 10.27 -11.88
C SER A 25 9.88 8.95 -12.55
N GLY A 26 9.94 8.96 -13.88
CA GLY A 26 10.25 7.75 -14.62
C GLY A 26 9.08 6.83 -14.94
N TYR A 27 7.85 7.32 -14.73
CA TYR A 27 6.66 6.53 -15.01
C TYR A 27 5.42 7.43 -15.03
N THR A 28 4.31 6.92 -15.54
CA THR A 28 3.06 7.67 -15.62
C THR A 28 2.43 7.76 -14.23
N PHE A 29 2.61 8.92 -13.60
CA PHE A 29 2.11 9.18 -12.25
C PHE A 29 0.69 8.69 -11.97
N THR A 30 -0.24 9.03 -12.86
CA THR A 30 -1.64 8.66 -12.71
C THR A 30 -2.01 7.19 -12.90
N SER A 31 -1.11 6.41 -13.51
CA SER A 31 -1.37 4.99 -13.75
C SER A 31 -1.27 4.09 -12.53
N TYR A 32 -0.58 4.55 -11.48
CA TYR A 32 -0.40 3.75 -10.28
C TYR A 32 -0.86 4.46 -9.01
N THR A 33 -0.90 3.73 -7.91
CA THR A 33 -1.32 4.28 -6.62
C THR A 33 -0.07 4.60 -5.80
N MET A 34 -0.23 5.39 -4.75
CA MET A 34 0.88 5.75 -3.88
C MET A 34 0.51 5.42 -2.44
N HIS A 35 1.35 4.62 -1.78
CA HIS A 35 1.11 4.22 -0.39
C HIS A 35 2.07 4.91 0.57
N TRP A 36 1.70 4.94 1.85
CA TRP A 36 2.52 5.55 2.89
C TRP A 36 2.70 4.60 4.08
N VAL A 37 3.91 4.55 4.60
CA VAL A 37 4.23 3.68 5.73
C VAL A 37 4.89 4.46 6.86
N LYS A 38 4.55 4.10 8.10
CA LYS A 38 5.10 4.75 9.28
C LYS A 38 6.10 3.82 9.95
N GLN A 39 7.21 4.39 10.43
CA GLN A 39 8.22 3.59 11.10
C GLN A 39 8.71 4.19 12.42
N ARG A 40 8.25 3.62 13.52
CA ARG A 40 8.67 4.06 14.85
C ARG A 40 9.52 2.96 15.44
N PRO A 41 10.57 3.33 16.19
CA PRO A 41 11.44 2.31 16.80
C PRO A 41 10.64 1.51 17.82
N GLY A 42 10.66 0.20 17.70
CA GLY A 42 9.91 -0.64 18.61
C GLY A 42 8.59 -1.12 18.06
N GLN A 43 8.17 -0.55 16.94
CA GLN A 43 6.91 -0.91 16.28
C GLN A 43 7.06 -0.59 14.80
N GLY A 44 8.17 -1.04 14.23
CA GLY A 44 8.45 -0.78 12.83
C GLY A 44 7.45 -1.27 11.80
N LEU A 45 7.14 -0.38 10.86
CA LEU A 45 6.24 -0.64 9.75
C LEU A 45 4.75 -0.78 10.01
N GLU A 46 4.01 0.27 9.65
CA GLU A 46 2.57 0.31 9.76
C GLU A 46 2.08 0.95 8.47
N TRP A 47 1.07 0.35 7.87
CA TRP A 47 0.52 0.88 6.62
C TRP A 47 -0.45 2.00 6.95
N ILE A 48 -0.23 3.16 6.34
CA ILE A 48 -1.08 4.32 6.59
C ILE A 48 -2.26 4.41 5.63
N GLY A 49 -2.00 4.31 4.34
CA GLY A 49 -3.07 4.39 3.35
C GLY A 49 -2.53 4.62 1.96
N TYR A 50 -3.44 4.83 1.01
CA TYR A 50 -3.03 5.09 -0.36
C TYR A 50 -4.00 6.00 -1.11
N ILE A 51 -3.46 6.66 -2.13
CA ILE A 51 -4.21 7.59 -2.94
C ILE A 51 -4.20 7.19 -4.40
N ASN A 52 -5.29 7.49 -5.10
CA ASN A 52 -5.41 7.20 -6.51
C ASN A 52 -5.19 8.55 -7.19
N PRO A 53 -4.02 8.76 -7.80
CA PRO A 53 -3.65 10.00 -8.48
C PRO A 53 -4.73 10.60 -9.38
N SER A 54 -5.26 9.80 -10.30
CA SER A 54 -6.29 10.29 -11.22
C SER A 54 -7.64 10.64 -10.59
N SER A 55 -8.20 9.71 -9.82
CA SER A 55 -9.50 9.94 -9.20
C SER A 55 -9.42 10.79 -7.94
N GLY A 56 -8.23 10.85 -7.34
CA GLY A 56 -8.05 11.62 -6.12
C GLY A 56 -8.67 10.95 -4.91
N TYR A 57 -9.07 9.69 -5.05
CA TYR A 57 -9.67 8.95 -3.93
C TYR A 57 -8.59 8.45 -2.99
N SER A 58 -8.82 8.63 -1.69
CA SER A 58 -7.89 8.19 -0.67
C SER A 58 -8.54 7.22 0.29
N ASN A 59 -7.88 6.11 0.57
CA ASN A 59 -8.39 5.11 1.49
C ASN A 59 -7.34 4.95 2.58
N TYR A 60 -7.75 5.14 3.83
CA TYR A 60 -6.84 5.09 4.96
C TYR A 60 -7.02 3.87 5.86
N ASN A 61 -6.02 3.65 6.71
CA ASN A 61 -6.03 2.57 7.70
C ASN A 61 -6.86 3.14 8.84
N GLN A 62 -7.88 2.41 9.25
CA GLN A 62 -8.78 2.84 10.32
C GLN A 62 -8.09 3.57 11.46
N LYS A 63 -6.92 3.06 11.87
CA LYS A 63 -6.14 3.63 12.95
C LYS A 63 -5.71 5.09 12.71
N PHE A 64 -5.38 5.41 11.47
CA PHE A 64 -4.94 6.76 11.12
C PHE A 64 -6.01 7.70 10.58
N LYS A 65 -7.28 7.31 10.70
CA LYS A 65 -8.36 8.17 10.23
C LYS A 65 -8.38 9.44 11.07
N ASP A 66 -8.73 10.55 10.45
CA ASP A 66 -8.76 11.84 11.16
C ASP A 66 -7.40 12.11 11.79
N LYS A 67 -6.36 11.92 10.99
CA LYS A 67 -4.98 12.12 11.41
C LYS A 67 -4.15 12.31 10.15
N ALA A 68 -4.30 11.37 9.21
CA ALA A 68 -3.61 11.41 7.93
C ALA A 68 -4.56 11.93 6.86
N THR A 69 -3.99 12.61 5.86
CA THR A 69 -4.77 13.14 4.76
C THR A 69 -3.91 13.16 3.50
N LEU A 70 -4.24 12.29 2.56
CA LEU A 70 -3.49 12.17 1.33
C LEU A 70 -4.03 13.03 0.20
N THR A 71 -3.13 13.57 -0.61
CA THR A 71 -3.50 14.41 -1.74
C THR A 71 -2.48 14.13 -2.84
N ALA A 72 -2.81 14.50 -4.06
CA ALA A 72 -1.92 14.28 -5.19
C ALA A 72 -2.05 15.45 -6.16
N ASP A 73 -0.96 15.78 -6.84
CA ASP A 73 -0.97 16.87 -7.80
C ASP A 73 -0.48 16.31 -9.12
N LYS A 74 -1.41 16.04 -10.04
CA LYS A 74 -1.09 15.50 -11.36
C LYS A 74 -0.05 16.32 -12.09
N SER A 75 -0.30 17.63 -12.14
CA SER A 75 0.57 18.59 -12.81
C SER A 75 2.03 18.66 -12.36
N SER A 76 2.31 18.25 -11.13
CA SER A 76 3.68 18.27 -10.64
C SER A 76 4.16 16.87 -10.22
N SER A 77 3.32 15.88 -10.46
CA SER A 77 3.61 14.48 -10.13
C SER A 77 4.11 14.31 -8.70
N THR A 78 3.42 14.98 -7.76
CA THR A 78 3.80 14.92 -6.36
C THR A 78 2.63 14.50 -5.48
N ALA A 79 2.90 13.64 -4.51
CA ALA A 79 1.89 13.17 -3.57
C ALA A 79 2.20 13.81 -2.22
N TYR A 80 1.19 14.35 -1.55
CA TYR A 80 1.37 15.00 -0.26
C TYR A 80 0.64 14.26 0.86
N MET A 81 1.32 14.09 1.99
CA MET A 81 0.75 13.39 3.14
C MET A 81 0.76 14.39 4.29
N GLN A 82 -0.42 14.74 4.78
CA GLN A 82 -0.54 15.71 5.86
C GLN A 82 -0.98 15.08 7.18
N LEU A 83 -0.23 15.39 8.23
CA LEU A 83 -0.51 14.90 9.58
C LEU A 83 -0.96 16.07 10.44
N SER A 84 -1.98 15.86 11.27
CA SER A 84 -2.51 16.91 12.13
C SER A 84 -2.75 16.49 13.59
N SER A 85 -2.64 17.46 14.50
CA SER A 85 -2.80 17.24 15.94
C SER A 85 -1.69 16.32 16.45
N LEU A 86 -0.46 16.69 16.12
CA LEU A 86 0.74 15.93 16.47
C LEU A 86 1.03 15.71 17.96
N THR A 87 1.59 14.55 18.28
CA THR A 87 1.98 14.17 19.63
C THR A 87 3.35 13.49 19.48
N SER A 88 4.11 13.36 20.56
CA SER A 88 5.43 12.73 20.47
C SER A 88 5.34 11.31 19.90
N GLU A 89 4.14 10.74 19.97
CA GLU A 89 3.87 9.41 19.46
C GLU A 89 3.94 9.34 17.93
N ASP A 90 3.88 10.49 17.28
CA ASP A 90 3.94 10.54 15.82
C ASP A 90 5.34 10.80 15.28
N SER A 91 6.28 11.02 16.19
CA SER A 91 7.66 11.26 15.77
C SER A 91 8.14 9.93 15.22
N ALA A 92 8.54 9.91 13.95
CA ALA A 92 9.00 8.69 13.30
C ALA A 92 9.48 8.99 11.89
N VAL A 93 9.75 7.94 11.14
CA VAL A 93 10.18 8.06 9.75
C VAL A 93 8.98 7.65 8.89
N TYR A 94 8.62 8.50 7.94
CA TYR A 94 7.49 8.22 7.06
C TYR A 94 7.94 7.95 5.61
N TYR A 95 7.62 6.76 5.12
CA TYR A 95 7.98 6.35 3.77
C TYR A 95 6.77 6.42 2.84
N CYS A 96 7.04 6.32 1.54
CA CYS A 96 6.00 6.31 0.52
C CYS A 96 6.45 5.21 -0.44
N SER A 97 5.50 4.43 -0.94
CA SER A 97 5.85 3.33 -1.84
C SER A 97 4.86 3.17 -2.98
N ARG A 98 5.40 2.92 -4.17
CA ARG A 98 4.58 2.71 -5.37
C ARG A 98 4.74 1.24 -5.73
N PRO A 99 3.64 0.50 -5.74
CA PRO A 99 3.66 -0.93 -6.06
C PRO A 99 3.70 -1.30 -7.54
N VAL A 100 4.05 -2.56 -7.78
CA VAL A 100 4.12 -3.13 -9.13
C VAL A 100 3.07 -4.24 -9.10
N VAL A 101 2.18 -4.25 -10.07
CA VAL A 101 1.13 -5.26 -10.09
C VAL A 101 1.51 -6.51 -10.87
N ARG A 102 1.49 -7.63 -10.16
CA ARG A 102 1.77 -8.94 -10.73
C ARG A 102 0.56 -9.79 -10.37
N LEU A 103 0.70 -10.69 -9.40
CA LEU A 103 -0.42 -11.52 -8.96
C LEU A 103 -1.21 -10.69 -7.95
N GLY A 104 -0.62 -9.57 -7.55
CA GLY A 104 -1.22 -8.65 -6.60
C GLY A 104 -0.24 -7.50 -6.46
N TYR A 105 -0.37 -6.71 -5.40
CA TYR A 105 0.54 -5.59 -5.19
C TYR A 105 1.91 -6.05 -4.71
N ASN A 106 2.95 -5.52 -5.34
CA ASN A 106 4.34 -5.81 -4.99
C ASN A 106 5.01 -4.47 -4.73
N PHE A 107 5.31 -4.16 -3.47
CA PHE A 107 5.93 -2.88 -3.15
C PHE A 107 7.42 -2.85 -3.50
N ASP A 108 7.68 -2.64 -4.79
CA ASP A 108 9.04 -2.60 -5.32
C ASP A 108 9.76 -1.27 -5.17
N TYR A 109 9.02 -0.18 -5.07
CA TYR A 109 9.66 1.12 -4.98
C TYR A 109 9.32 1.86 -3.70
N TRP A 110 10.37 2.24 -2.97
CA TRP A 110 10.24 2.96 -1.72
C TRP A 110 11.05 4.25 -1.75
N GLY A 111 10.57 5.27 -1.04
CA GLY A 111 11.28 6.54 -0.98
C GLY A 111 12.37 6.42 0.07
N GLN A 112 13.31 7.36 0.08
CA GLN A 112 14.42 7.34 1.04
C GLN A 112 13.99 7.52 2.50
N GLY A 113 12.82 8.14 2.71
CA GLY A 113 12.32 8.35 4.06
C GLY A 113 12.46 9.79 4.54
N SER A 114 11.56 10.18 5.44
CA SER A 114 11.56 11.53 6.01
C SER A 114 11.32 11.41 7.52
N THR A 115 12.28 11.84 8.32
CA THR A 115 12.15 11.76 9.76
C THR A 115 11.49 13.01 10.35
N LEU A 116 10.35 12.80 11.00
CA LEU A 116 9.61 13.89 11.63
C LEU A 116 9.86 13.86 13.12
N THR A 117 10.10 15.03 13.71
CA THR A 117 10.35 15.14 15.13
C THR A 117 9.29 16.05 15.74
N VAL A 118 8.49 15.52 16.66
CA VAL A 118 7.45 16.30 17.30
C VAL A 118 8.01 16.87 18.60
N SER A 119 8.32 18.17 18.58
CA SER A 119 8.87 18.85 19.75
C SER A 119 8.89 20.37 19.53
N SER A 120 8.79 21.10 20.64
CA SER A 120 8.81 22.55 20.61
C SER A 120 10.20 23.08 20.94
N ALA A 121 11.16 22.17 21.05
CA ALA A 121 12.54 22.52 21.37
C ALA A 121 13.20 23.29 20.23
N LYS A 122 14.01 24.29 20.59
CA LYS A 122 14.71 25.12 19.62
C LYS A 122 16.01 24.46 19.15
N THR A 123 16.35 24.68 17.88
CA THR A 123 17.55 24.12 17.29
C THR A 123 18.81 24.64 18.00
N THR A 124 19.71 23.75 18.36
CA THR A 124 20.93 24.13 19.07
C THR A 124 22.15 23.49 18.43
N PRO A 125 23.21 24.30 18.19
CA PRO A 125 24.46 23.82 17.60
C PRO A 125 25.21 22.97 18.63
N PRO A 126 25.90 21.91 18.19
CA PRO A 126 26.65 21.02 19.06
C PRO A 126 27.99 21.55 19.57
N SER A 127 28.29 21.30 20.84
CA SER A 127 29.55 21.70 21.43
C SER A 127 30.47 20.49 21.33
N VAL A 128 31.43 20.55 20.42
CA VAL A 128 32.37 19.44 20.23
C VAL A 128 33.54 19.53 21.19
N TYR A 129 33.75 18.47 21.95
CA TYR A 129 34.84 18.41 22.92
C TYR A 129 35.71 17.21 22.56
N PRO A 130 37.04 17.36 22.61
CA PRO A 130 37.95 16.26 22.27
C PRO A 130 38.13 15.32 23.47
N LEU A 131 38.43 14.05 23.17
CA LEU A 131 38.65 13.07 24.22
C LEU A 131 40.03 12.44 24.04
N ALA A 132 40.98 12.89 24.84
CA ALA A 132 42.34 12.38 24.80
C ALA A 132 42.55 11.54 26.07
N PRO A 133 43.40 10.50 26.00
CA PRO A 133 43.65 9.64 27.16
C PRO A 133 44.20 10.40 28.35
N GLY A 134 43.89 9.92 29.55
CA GLY A 134 44.37 10.55 30.77
C GLY A 134 45.87 10.73 30.76
N SER A 135 46.34 11.80 31.38
CA SER A 135 47.77 12.10 31.44
C SER A 135 48.50 10.98 32.20
N ALA A 136 49.83 11.02 32.13
CA ALA A 136 50.72 10.05 32.78
C ALA A 136 50.98 8.81 31.92
N ALA A 137 51.53 7.76 32.55
CA ALA A 137 51.86 6.52 31.85
C ALA A 137 50.68 5.59 31.59
N GLN A 138 50.56 5.18 30.33
CA GLN A 138 49.51 4.27 29.85
C GLN A 138 49.70 4.18 28.34
N THR A 139 50.39 3.14 27.88
CA THR A 139 50.66 2.98 26.46
C THR A 139 50.61 1.53 25.98
N ASN A 140 50.01 1.32 24.82
CA ASN A 140 49.88 0.00 24.20
C ASN A 140 50.12 0.15 22.71
N SER A 141 49.98 -0.95 21.97
CA SER A 141 50.17 -0.92 20.51
C SER A 141 49.09 -0.09 19.83
N MET A 142 47.92 -0.05 20.43
CA MET A 142 46.79 0.69 19.90
C MET A 142 46.43 1.84 20.81
N VAL A 143 45.89 2.91 20.24
CA VAL A 143 45.48 4.07 21.00
C VAL A 143 44.06 4.46 20.59
N THR A 144 43.20 4.63 21.58
CA THR A 144 41.81 4.99 21.32
C THR A 144 41.58 6.45 21.67
N LEU A 145 41.13 7.21 20.69
CA LEU A 145 40.82 8.63 20.87
C LEU A 145 39.32 8.76 20.73
N GLY A 146 38.78 9.90 21.14
CA GLY A 146 37.34 10.09 21.05
C GLY A 146 36.94 11.52 20.84
N CYS A 147 35.62 11.73 20.76
CA CYS A 147 35.06 13.05 20.57
C CYS A 147 33.69 13.07 21.24
N LEU A 148 33.39 14.15 21.95
CA LEU A 148 32.12 14.29 22.64
C LEU A 148 31.31 15.42 22.01
N VAL A 149 30.19 15.05 21.40
CA VAL A 149 29.30 16.01 20.76
C VAL A 149 28.14 16.18 21.74
N LYS A 150 28.04 17.35 22.34
CA LYS A 150 27.01 17.58 23.35
C LYS A 150 26.09 18.78 23.10
N GLY A 151 24.86 18.65 23.62
CA GLY A 151 23.87 19.70 23.52
C GLY A 151 23.36 20.17 22.18
N TYR A 152 23.13 19.26 21.23
CA TYR A 152 22.64 19.66 19.92
C TYR A 152 21.19 19.25 19.72
N PHE A 153 20.51 19.94 18.80
CA PHE A 153 19.12 19.65 18.50
C PHE A 153 18.71 20.32 17.19
N PRO A 154 17.99 19.59 16.32
CA PRO A 154 17.58 18.19 16.51
C PRO A 154 18.56 17.26 15.80
N GLU A 155 18.17 16.00 15.63
CA GLU A 155 19.01 15.03 14.94
C GLU A 155 18.88 15.24 13.43
N PRO A 156 19.84 14.72 12.63
CA PRO A 156 21.03 13.97 13.03
C PRO A 156 22.33 14.79 12.93
N VAL A 157 23.45 14.15 13.26
CA VAL A 157 24.77 14.76 13.19
C VAL A 157 25.70 13.71 12.62
N THR A 158 26.68 14.16 11.85
CA THR A 158 27.65 13.24 11.26
C THR A 158 29.04 13.49 11.80
N VAL A 159 29.73 12.41 12.16
CA VAL A 159 31.08 12.51 12.70
C VAL A 159 32.01 11.65 11.86
N THR A 160 33.10 12.26 11.42
CA THR A 160 34.11 11.56 10.62
C THR A 160 35.47 11.87 11.22
N TRP A 161 36.50 11.17 10.76
CA TRP A 161 37.84 11.38 11.26
C TRP A 161 38.76 11.58 10.07
N ASN A 162 39.38 12.75 10.01
CA ASN A 162 40.28 13.12 8.93
C ASN A 162 39.54 13.13 7.59
N SER A 163 38.36 13.75 7.59
CA SER A 163 37.52 13.88 6.41
C SER A 163 37.27 12.58 5.64
N GLY A 164 36.88 11.55 6.36
CA GLY A 164 36.58 10.26 5.75
C GLY A 164 37.75 9.34 5.45
N SER A 165 38.97 9.82 5.65
CA SER A 165 40.16 9.01 5.40
C SER A 165 40.27 7.83 6.37
N LEU A 166 40.04 8.09 7.64
CA LEU A 166 40.11 7.05 8.67
C LEU A 166 38.73 6.39 8.79
N SER A 167 38.69 5.06 8.74
CA SER A 167 37.44 4.34 8.85
C SER A 167 37.55 3.02 9.62
N SER A 168 38.59 2.26 9.33
CA SER A 168 38.83 0.95 9.93
C SER A 168 38.49 0.73 11.41
N GLY A 169 38.73 1.72 12.27
CA GLY A 169 38.43 1.54 13.68
C GLY A 169 37.48 2.55 14.29
N VAL A 170 36.64 3.17 13.47
CA VAL A 170 35.69 4.17 13.94
C VAL A 170 34.52 3.52 14.68
N HIS A 171 33.88 4.29 15.56
CA HIS A 171 32.72 3.82 16.33
C HIS A 171 31.88 5.02 16.72
N THR A 172 30.74 5.19 16.07
CA THR A 172 29.85 6.30 16.40
C THR A 172 28.67 5.72 17.17
N PHE A 173 28.33 6.35 18.28
CA PHE A 173 27.24 5.89 19.11
C PHE A 173 25.91 6.61 18.86
N PRO A 174 24.80 5.87 18.97
CA PRO A 174 23.46 6.42 18.76
C PRO A 174 23.14 7.44 19.84
N ALA A 175 22.84 8.67 19.45
CA ALA A 175 22.53 9.74 20.39
C ALA A 175 21.34 9.42 21.30
N VAL A 176 21.43 9.87 22.54
CA VAL A 176 20.39 9.68 23.55
C VAL A 176 19.74 11.04 23.83
N LEU A 177 18.42 11.07 23.81
CA LEU A 177 17.69 12.30 24.08
C LEU A 177 17.46 12.43 25.57
N GLN A 178 17.34 13.67 26.04
CA GLN A 178 17.10 13.93 27.45
C GLN A 178 15.82 14.73 27.63
N SER A 179 15.74 15.87 26.95
CA SER A 179 14.58 16.74 27.05
C SER A 179 14.47 17.57 25.77
N ASP A 180 15.40 18.50 25.60
CA ASP A 180 15.43 19.37 24.43
C ASP A 180 16.84 19.46 23.84
N LEU A 181 17.64 18.43 24.12
CA LEU A 181 19.02 18.34 23.63
C LEU A 181 19.46 16.90 23.50
N TYR A 182 20.35 16.65 22.54
CA TYR A 182 20.90 15.32 22.27
C TYR A 182 22.38 15.32 22.58
N THR A 183 22.93 14.14 22.81
CA THR A 183 24.35 14.00 23.13
C THR A 183 24.87 12.65 22.64
N LEU A 184 25.99 12.65 21.95
CA LEU A 184 26.57 11.41 21.45
C LEU A 184 28.09 11.46 21.50
N SER A 185 28.70 10.30 21.28
CA SER A 185 30.15 10.18 21.30
C SER A 185 30.62 9.31 20.15
N SER A 186 31.91 9.40 19.84
CA SER A 186 32.51 8.62 18.77
C SER A 186 33.97 8.34 19.14
N SER A 187 34.42 7.11 18.89
CA SER A 187 35.78 6.72 19.21
C SER A 187 36.48 6.18 17.98
N VAL A 188 37.81 6.26 18.00
CA VAL A 188 38.63 5.78 16.88
C VAL A 188 39.92 5.19 17.43
N THR A 189 40.22 3.96 17.04
CA THR A 189 41.44 3.29 17.49
C THR A 189 42.43 3.21 16.34
N VAL A 190 43.61 3.80 16.55
CA VAL A 190 44.68 3.81 15.56
C VAL A 190 45.96 3.34 16.24
N PRO A 191 47.00 3.00 15.46
CA PRO A 191 48.26 2.55 16.08
C PRO A 191 48.86 3.67 16.93
N SER A 192 49.47 3.31 18.06
CA SER A 192 50.07 4.30 18.95
C SER A 192 51.18 5.11 18.28
N SER A 193 51.92 4.46 17.37
CA SER A 193 53.00 5.13 16.65
C SER A 193 52.48 6.13 15.63
N THR A 194 51.16 6.19 15.49
CA THR A 194 50.51 7.11 14.57
C THR A 194 50.11 8.41 15.28
N TRP A 195 50.14 8.39 16.60
CA TRP A 195 49.76 9.57 17.38
C TRP A 195 50.79 9.77 18.49
N PRO A 196 51.18 11.04 18.75
CA PRO A 196 50.76 12.29 18.11
C PRO A 196 51.56 12.61 16.85
N SER A 197 52.35 11.65 16.38
CA SER A 197 53.18 11.84 15.19
C SER A 197 52.39 12.32 13.97
N GLU A 198 51.11 11.96 13.92
CA GLU A 198 50.25 12.35 12.81
C GLU A 198 48.98 13.03 13.34
N THR A 199 48.36 13.85 12.50
CA THR A 199 47.16 14.58 12.88
C THR A 199 45.91 13.72 12.87
N VAL A 200 45.07 13.89 13.89
CA VAL A 200 43.81 13.17 14.02
C VAL A 200 42.76 14.22 14.35
N THR A 201 41.76 14.35 13.49
CA THR A 201 40.70 15.34 13.66
C THR A 201 39.32 14.76 13.38
N CYS A 202 38.33 15.12 14.21
CA CYS A 202 36.97 14.65 13.99
C CYS A 202 36.22 15.75 13.27
N ASN A 203 35.35 15.37 12.34
CA ASN A 203 34.60 16.34 11.56
C ASN A 203 33.13 16.14 11.90
N VAL A 204 32.57 17.09 12.64
CA VAL A 204 31.17 17.01 13.04
C VAL A 204 30.32 17.98 12.22
N ALA A 205 29.26 17.46 11.62
CA ALA A 205 28.37 18.27 10.81
C ALA A 205 26.94 18.19 11.34
N HIS A 206 26.24 19.32 11.33
CA HIS A 206 24.86 19.39 11.80
C HIS A 206 24.06 20.21 10.78
N PRO A 207 23.54 19.55 9.73
CA PRO A 207 22.76 20.18 8.65
C PRO A 207 21.66 21.10 9.15
N ALA A 208 20.91 20.63 10.15
CA ALA A 208 19.80 21.39 10.73
C ALA A 208 20.14 22.84 11.11
N SER A 209 21.43 23.13 11.29
CA SER A 209 21.85 24.47 11.66
C SER A 209 23.12 24.90 10.92
N SER A 210 23.39 24.24 9.78
CA SER A 210 24.56 24.53 8.97
C SER A 210 25.85 24.64 9.80
N THR A 211 26.07 23.66 10.66
CA THR A 211 27.26 23.67 11.52
C THR A 211 28.27 22.64 11.04
N LYS A 212 29.53 23.08 10.94
CA LYS A 212 30.62 22.22 10.53
C LYS A 212 31.75 22.52 11.49
N VAL A 213 32.13 21.53 12.28
CA VAL A 213 33.18 21.71 13.27
C VAL A 213 34.27 20.65 13.11
N ASP A 214 35.49 21.03 13.46
CA ASP A 214 36.64 20.14 13.38
C ASP A 214 37.41 20.29 14.68
N LYS A 215 37.67 19.16 15.33
CA LYS A 215 38.40 19.18 16.58
C LYS A 215 39.61 18.27 16.47
N LYS A 216 40.79 18.87 16.57
CA LYS A 216 42.04 18.13 16.49
C LYS A 216 42.33 17.51 17.85
N ILE A 217 42.63 16.22 17.85
CA ILE A 217 42.94 15.52 19.09
C ILE A 217 44.38 15.79 19.51
N VAL A 218 44.57 16.84 20.30
CA VAL A 218 45.88 17.22 20.80
C VAL A 218 46.05 16.56 22.17
N PRO A 219 47.28 16.13 22.50
CA PRO A 219 47.56 15.50 23.80
C PRO A 219 47.49 16.49 24.96
N GLU B 1 -7.91 -6.24 11.34
CA GLU B 1 -8.42 -7.57 11.76
C GLU B 1 -7.28 -8.57 11.79
N ILE B 2 -6.75 -8.92 10.61
CA ILE B 2 -5.66 -9.89 10.52
C ILE B 2 -4.37 -9.34 11.14
N VAL B 3 -3.76 -10.16 11.99
CA VAL B 3 -2.52 -9.81 12.67
C VAL B 3 -1.44 -10.82 12.28
N LEU B 4 -0.28 -10.33 11.91
CA LEU B 4 0.83 -11.20 11.54
C LEU B 4 1.87 -11.18 12.64
N THR B 5 2.04 -12.31 13.31
CA THR B 5 3.00 -12.44 14.39
C THR B 5 4.19 -13.29 13.96
N GLN B 6 5.35 -12.65 13.87
CA GLN B 6 6.57 -13.33 13.46
C GLN B 6 7.37 -13.81 14.68
N SER B 7 8.09 -14.91 14.50
CA SER B 7 8.90 -15.48 15.57
C SER B 7 10.06 -16.29 15.00
N PRO B 8 11.20 -16.32 15.69
CA PRO B 8 11.47 -15.64 16.96
C PRO B 8 11.54 -14.13 16.79
N ALA B 9 11.45 -13.41 17.91
CA ALA B 9 11.50 -11.94 17.86
C ALA B 9 12.91 -11.49 17.52
N ILE B 10 13.90 -12.23 18.01
CA ILE B 10 15.31 -11.91 17.77
C ILE B 10 16.13 -13.19 17.97
N THR B 11 17.06 -13.45 17.04
CA THR B 11 17.91 -14.64 17.11
C THR B 11 19.24 -14.40 16.38
N ALA B 12 20.29 -15.04 16.87
CA ALA B 12 21.62 -14.91 16.29
C ALA B 12 22.05 -16.24 15.71
N ALA B 13 22.43 -16.24 14.44
CA ALA B 13 22.86 -17.47 13.77
C ALA B 13 24.33 -17.38 13.39
N SER B 14 25.01 -18.52 13.42
CA SER B 14 26.42 -18.60 13.08
C SER B 14 26.57 -18.79 11.56
N LEU B 15 27.62 -18.21 10.99
CA LEU B 15 27.88 -18.31 9.55
C LEU B 15 27.83 -19.78 9.12
N GLY B 16 26.97 -20.10 8.17
CA GLY B 16 26.85 -21.46 7.69
C GLY B 16 25.58 -22.15 8.15
N GLN B 17 25.04 -21.74 9.29
CA GLN B 17 23.81 -22.34 9.83
C GLN B 17 22.59 -22.15 8.94
N LYS B 18 21.68 -23.12 9.00
CA LYS B 18 20.43 -23.05 8.24
C LYS B 18 19.45 -22.32 9.15
N VAL B 19 19.00 -21.15 8.71
CA VAL B 19 18.07 -20.34 9.48
C VAL B 19 16.66 -20.47 8.92
N THR B 20 15.67 -20.42 9.79
CA THR B 20 14.27 -20.52 9.38
C THR B 20 13.38 -19.71 10.31
N ILE B 21 12.82 -18.62 9.79
CA ILE B 21 11.92 -17.78 10.59
C ILE B 21 10.49 -18.00 10.09
N THR B 22 9.52 -17.89 11.00
CA THR B 22 8.12 -18.11 10.62
C THR B 22 7.21 -16.92 10.86
N CYS B 23 6.04 -16.98 10.22
CA CYS B 23 5.03 -15.93 10.34
C CYS B 23 3.68 -16.61 10.54
N SER B 24 2.94 -16.15 11.55
CA SER B 24 1.64 -16.71 11.85
C SER B 24 0.54 -15.65 11.70
N ALA B 25 -0.41 -15.92 10.81
CA ALA B 25 -1.52 -15.01 10.56
C ALA B 25 -2.69 -15.43 11.45
N SER B 26 -3.53 -14.46 11.82
CA SER B 26 -4.69 -14.74 12.66
C SER B 26 -5.76 -15.55 11.92
N SER B 27 -5.79 -15.40 10.61
CA SER B 27 -6.74 -16.12 9.76
C SER B 27 -6.04 -16.33 8.42
N SER B 28 -6.49 -17.33 7.67
CA SER B 28 -5.89 -17.66 6.39
C SER B 28 -5.70 -16.49 5.43
N VAL B 29 -4.63 -16.58 4.65
CA VAL B 29 -4.30 -15.58 3.65
C VAL B 29 -3.73 -16.38 2.48
N SER B 30 -4.01 -15.95 1.26
CA SER B 30 -3.55 -16.67 0.09
C SER B 30 -2.05 -16.70 -0.09
N TYR B 31 -1.42 -15.52 -0.03
CA TYR B 31 0.03 -15.42 -0.21
C TYR B 31 0.64 -14.55 0.88
N MET B 32 1.97 -14.54 0.94
CA MET B 32 2.69 -13.75 1.92
C MET B 32 3.94 -13.17 1.25
N HIS B 33 4.31 -11.97 1.64
CA HIS B 33 5.49 -11.30 1.10
C HIS B 33 6.53 -11.18 2.20
N TRP B 34 7.78 -10.97 1.81
CA TRP B 34 8.87 -10.82 2.76
C TRP B 34 9.79 -9.66 2.38
N TYR B 35 10.16 -8.87 3.38
CA TYR B 35 11.03 -7.71 3.19
C TYR B 35 12.22 -7.78 4.14
N GLN B 36 13.34 -7.22 3.71
CA GLN B 36 14.55 -7.19 4.53
C GLN B 36 14.89 -5.72 4.74
N GLN B 37 15.19 -5.36 5.98
CA GLN B 37 15.53 -3.97 6.27
C GLN B 37 16.76 -3.86 7.13
N LYS B 38 17.61 -2.90 6.80
CA LYS B 38 18.84 -2.65 7.55
C LYS B 38 18.78 -1.23 8.13
N SER B 39 19.42 -1.04 9.28
CA SER B 39 19.41 0.24 9.98
C SER B 39 19.76 1.45 9.12
N GLY B 40 18.79 2.36 9.00
CA GLY B 40 18.99 3.58 8.24
C GLY B 40 18.69 3.52 6.76
N THR B 41 17.97 2.48 6.32
CA THR B 41 17.64 2.35 4.90
C THR B 41 16.21 1.87 4.68
N SER B 42 15.67 2.18 3.51
CA SER B 42 14.32 1.78 3.14
C SER B 42 14.27 0.27 3.04
N PRO B 43 13.16 -0.34 3.50
CA PRO B 43 13.04 -1.80 3.43
C PRO B 43 13.06 -2.25 1.98
N LYS B 44 13.67 -3.40 1.73
CA LYS B 44 13.79 -3.92 0.38
C LYS B 44 12.91 -5.14 0.18
N PRO B 45 12.24 -5.23 -0.98
CA PRO B 45 11.37 -6.36 -1.31
C PRO B 45 12.28 -7.58 -1.40
N TRP B 46 11.97 -8.63 -0.65
CA TRP B 46 12.80 -9.82 -0.67
C TRP B 46 12.14 -11.02 -1.33
N ILE B 47 10.91 -11.32 -0.93
CA ILE B 47 10.19 -12.45 -1.49
C ILE B 47 8.72 -12.12 -1.80
N TYR B 48 8.28 -12.44 -3.01
CA TYR B 48 6.92 -12.21 -3.45
C TYR B 48 6.18 -13.54 -3.45
N GLU B 49 4.86 -13.46 -3.46
CA GLU B 49 3.97 -14.62 -3.49
C GLU B 49 4.52 -15.93 -2.92
N ILE B 50 4.85 -15.89 -1.62
CA ILE B 50 5.34 -17.06 -0.89
C ILE B 50 6.75 -17.59 -1.20
N SER B 51 7.04 -17.89 -2.47
CA SER B 51 8.34 -18.46 -2.81
C SER B 51 9.15 -17.82 -3.94
N LYS B 52 8.66 -16.75 -4.55
CA LYS B 52 9.38 -16.11 -5.65
C LYS B 52 10.40 -15.08 -5.16
N LEU B 53 11.66 -15.31 -5.47
CA LEU B 53 12.73 -14.41 -5.06
C LEU B 53 12.70 -13.10 -5.85
N ALA B 54 13.04 -12.01 -5.17
CA ALA B 54 13.07 -10.69 -5.80
C ALA B 54 14.42 -10.50 -6.49
N SER B 55 14.61 -9.35 -7.11
CA SER B 55 15.86 -9.06 -7.82
C SER B 55 17.04 -8.82 -6.87
N GLY B 56 18.15 -9.50 -7.14
CA GLY B 56 19.34 -9.35 -6.33
C GLY B 56 19.36 -10.21 -5.07
N VAL B 57 18.30 -10.98 -4.85
CA VAL B 57 18.23 -11.84 -3.67
C VAL B 57 18.98 -13.15 -3.91
N PRO B 58 19.92 -13.49 -3.02
CA PRO B 58 20.75 -14.70 -3.08
C PRO B 58 19.93 -15.99 -3.06
N ALA B 59 20.35 -16.94 -3.88
CA ALA B 59 19.69 -18.24 -3.98
C ALA B 59 19.56 -18.99 -2.66
N ARG B 60 20.41 -18.66 -1.70
CA ARG B 60 20.37 -19.32 -0.39
C ARG B 60 19.04 -19.06 0.33
N PHE B 61 18.31 -18.06 -0.14
CA PHE B 61 17.03 -17.71 0.44
C PHE B 61 15.90 -18.51 -0.21
N SER B 62 14.85 -18.77 0.56
CA SER B 62 13.70 -19.53 0.07
C SER B 62 12.51 -19.26 0.98
N GLY B 63 11.32 -19.49 0.46
CA GLY B 63 10.11 -19.29 1.25
C GLY B 63 9.17 -20.45 1.06
N SER B 64 8.18 -20.56 1.93
CA SER B 64 7.20 -21.65 1.86
C SER B 64 6.07 -21.40 2.85
N GLY B 65 5.06 -22.27 2.81
CA GLY B 65 3.93 -22.14 3.71
C GLY B 65 2.63 -21.92 2.98
N SER B 66 1.55 -21.82 3.73
CA SER B 66 0.22 -21.62 3.18
C SER B 66 -0.80 -21.36 4.29
N GLY B 67 -1.94 -20.79 3.93
CA GLY B 67 -2.98 -20.54 4.91
C GLY B 67 -2.61 -19.57 6.02
N THR B 68 -2.23 -20.10 7.18
CA THR B 68 -1.87 -19.27 8.32
C THR B 68 -0.42 -19.31 8.77
N SER B 69 0.38 -20.20 8.18
CA SER B 69 1.77 -20.31 8.57
C SER B 69 2.71 -20.25 7.38
N TYR B 70 3.65 -19.31 7.41
CA TYR B 70 4.62 -19.14 6.33
C TYR B 70 6.03 -19.11 6.93
N SER B 71 7.04 -19.35 6.09
CA SER B 71 8.42 -19.39 6.57
C SER B 71 9.45 -18.90 5.57
N LEU B 72 10.54 -18.33 6.09
CA LEU B 72 11.65 -17.84 5.30
C LEU B 72 12.88 -18.61 5.78
N THR B 73 13.65 -19.16 4.85
CA THR B 73 14.83 -19.94 5.21
C THR B 73 16.10 -19.52 4.47
N ILE B 74 17.22 -19.58 5.19
CA ILE B 74 18.52 -19.25 4.64
C ILE B 74 19.32 -20.54 4.80
N SER B 75 19.64 -21.19 3.70
CA SER B 75 20.40 -22.44 3.73
C SER B 75 21.72 -22.30 4.50
N SER B 76 22.52 -21.31 4.12
CA SER B 76 23.81 -21.06 4.74
C SER B 76 23.92 -19.58 5.12
N MET B 77 23.63 -19.29 6.38
CA MET B 77 23.69 -17.92 6.90
C MET B 77 25.04 -17.26 6.62
N GLU B 78 25.01 -16.00 6.21
CA GLU B 78 26.22 -15.24 5.93
C GLU B 78 26.12 -13.83 6.48
N ALA B 79 27.26 -13.22 6.76
CA ALA B 79 27.34 -11.87 7.33
C ALA B 79 26.36 -10.84 6.81
N GLU B 80 26.27 -10.72 5.48
CA GLU B 80 25.38 -9.75 4.83
C GLU B 80 23.88 -10.00 5.05
N ASP B 81 23.55 -11.17 5.60
CA ASP B 81 22.15 -11.53 5.84
C ASP B 81 21.59 -11.02 7.17
N ALA B 82 22.44 -10.38 7.97
CA ALA B 82 21.99 -9.86 9.25
C ALA B 82 21.16 -8.60 9.02
N ALA B 83 19.91 -8.64 9.46
CA ALA B 83 18.99 -7.52 9.30
C ALA B 83 17.67 -7.89 9.96
N ILE B 84 16.64 -7.06 9.74
CA ILE B 84 15.32 -7.33 10.29
C ILE B 84 14.42 -7.74 9.13
N TYR B 85 13.68 -8.83 9.32
CA TYR B 85 12.80 -9.32 8.27
C TYR B 85 11.33 -9.18 8.66
N TYR B 86 10.54 -8.62 7.76
CA TYR B 86 9.12 -8.43 7.97
C TYR B 86 8.34 -9.20 6.92
N CYS B 87 7.15 -9.66 7.28
CA CYS B 87 6.29 -10.37 6.35
C CYS B 87 5.12 -9.43 6.07
N GLN B 88 4.43 -9.64 4.95
CA GLN B 88 3.32 -8.78 4.63
C GLN B 88 2.16 -9.48 3.93
N GLN B 89 0.94 -9.14 4.36
CA GLN B 89 -0.29 -9.67 3.79
C GLN B 89 -0.29 -9.28 2.32
N TRP B 90 -0.41 -10.25 1.42
CA TRP B 90 -0.38 -9.98 -0.02
C TRP B 90 -1.46 -9.01 -0.50
N ASN B 91 -2.55 -8.90 0.26
CA ASN B 91 -3.64 -8.03 -0.13
C ASN B 91 -4.05 -7.01 0.93
N TYR B 92 -4.97 -6.13 0.54
CA TYR B 92 -5.50 -5.08 1.40
C TYR B 92 -5.94 -5.68 2.75
N PRO B 93 -5.71 -4.97 3.87
CA PRO B 93 -5.08 -3.65 4.01
C PRO B 93 -3.55 -3.65 4.00
N PHE B 94 -2.95 -4.73 3.52
CA PHE B 94 -1.48 -4.84 3.42
C PHE B 94 -0.74 -4.77 4.76
N THR B 95 -1.30 -5.39 5.78
CA THR B 95 -0.70 -5.40 7.10
C THR B 95 0.70 -6.01 7.13
N PHE B 96 1.58 -5.44 7.96
CA PHE B 96 2.95 -5.89 8.11
C PHE B 96 3.10 -6.80 9.33
N GLY B 97 4.11 -7.67 9.28
CA GLY B 97 4.35 -8.56 10.41
C GLY B 97 5.08 -7.83 11.52
N SER B 98 5.19 -8.47 12.69
CA SER B 98 5.85 -7.85 13.82
C SER B 98 7.37 -7.76 13.67
N GLY B 99 7.93 -8.55 12.76
CA GLY B 99 9.37 -8.53 12.52
C GLY B 99 10.20 -9.55 13.26
N THR B 100 11.40 -9.80 12.73
CA THR B 100 12.35 -10.74 13.31
C THR B 100 13.75 -10.17 13.08
N LYS B 101 14.48 -9.95 14.18
CA LYS B 101 15.84 -9.41 14.10
C LYS B 101 16.85 -10.56 14.06
N LEU B 102 17.52 -10.71 12.93
CA LEU B 102 18.51 -11.77 12.76
C LEU B 102 19.90 -11.20 12.93
N GLU B 103 20.63 -11.74 13.89
CA GLU B 103 21.99 -11.30 14.19
C GLU B 103 23.00 -12.41 13.91
N ILE B 104 24.27 -12.07 14.04
CA ILE B 104 25.36 -13.02 13.81
C ILE B 104 25.87 -13.55 15.15
N LYS B 105 26.11 -14.86 15.22
CA LYS B 105 26.61 -15.51 16.42
C LYS B 105 28.13 -15.60 16.25
N ARG B 106 28.88 -14.95 17.14
CA ARG B 106 30.33 -14.93 17.05
C ARG B 106 31.01 -15.50 18.29
N ALA B 107 32.34 -15.50 18.28
CA ALA B 107 33.13 -16.00 19.40
C ALA B 107 33.15 -14.90 20.46
N ASP B 108 33.31 -15.28 21.72
CA ASP B 108 33.32 -14.34 22.83
C ASP B 108 34.55 -13.44 22.83
N ALA B 109 34.38 -12.23 23.36
CA ALA B 109 35.47 -11.25 23.43
C ALA B 109 35.25 -10.31 24.60
N ALA B 110 36.36 -9.88 25.21
CA ALA B 110 36.30 -8.97 26.36
C ALA B 110 36.41 -7.52 25.89
N PRO B 111 35.69 -6.61 26.56
CA PRO B 111 35.69 -5.19 26.23
C PRO B 111 36.97 -4.40 26.53
N THR B 112 37.49 -3.74 25.51
CA THR B 112 38.69 -2.92 25.65
C THR B 112 38.22 -1.59 26.25
N VAL B 113 38.30 -1.48 27.57
CA VAL B 113 37.85 -0.29 28.27
C VAL B 113 38.86 0.86 28.19
N SER B 114 38.32 2.08 28.10
CA SER B 114 39.15 3.29 28.01
C SER B 114 38.41 4.44 28.68
N ILE B 115 39.04 5.10 29.65
CA ILE B 115 38.41 6.22 30.35
C ILE B 115 39.03 7.54 29.90
N PHE B 116 38.22 8.61 29.92
CA PHE B 116 38.68 9.93 29.50
C PHE B 116 38.24 11.02 30.46
N PRO B 117 39.19 11.86 30.92
CA PRO B 117 38.94 12.96 31.86
C PRO B 117 38.35 14.18 31.12
N PRO B 118 37.58 15.01 31.83
CA PRO B 118 36.95 16.21 31.25
C PRO B 118 37.94 17.07 30.47
N SER B 119 37.54 17.48 29.27
CA SER B 119 38.38 18.31 28.41
C SER B 119 38.54 19.71 29.00
N SER B 120 39.71 20.30 28.80
CA SER B 120 40.02 21.63 29.29
C SER B 120 38.93 22.64 28.91
N GLU B 121 38.55 22.66 27.63
CA GLU B 121 37.53 23.58 27.15
C GLU B 121 36.18 23.41 27.82
N GLN B 122 35.77 22.17 28.07
CA GLN B 122 34.49 21.94 28.74
C GLN B 122 34.55 22.50 30.15
N LEU B 123 35.68 22.28 30.82
CA LEU B 123 35.88 22.78 32.17
C LEU B 123 35.86 24.31 32.14
N THR B 124 36.41 24.88 31.08
CA THR B 124 36.45 26.33 30.91
C THR B 124 35.02 26.86 30.85
N SER B 125 34.10 26.06 30.32
CA SER B 125 32.71 26.46 30.22
C SER B 125 31.91 26.07 31.48
N GLY B 126 32.61 25.56 32.49
CA GLY B 126 31.96 25.19 33.74
C GLY B 126 31.35 23.81 33.81
N GLY B 127 31.56 22.98 32.78
CA GLY B 127 31.00 21.64 32.79
C GLY B 127 32.07 20.57 32.85
N ALA B 128 31.70 19.34 33.22
CA ALA B 128 32.66 18.26 33.32
C ALA B 128 32.01 16.89 33.12
N SER B 129 32.13 16.35 31.91
CA SER B 129 31.57 15.05 31.58
C SER B 129 32.68 14.01 31.41
N VAL B 130 32.65 12.97 32.23
CA VAL B 130 33.65 11.91 32.15
C VAL B 130 33.11 10.82 31.23
N VAL B 131 33.89 10.46 30.22
CA VAL B 131 33.49 9.45 29.24
C VAL B 131 34.35 8.20 29.34
N CYS B 132 33.74 7.05 29.06
CA CYS B 132 34.43 5.77 29.10
C CYS B 132 33.85 4.88 28.00
N PHE B 133 34.74 4.31 27.19
CA PHE B 133 34.32 3.45 26.08
C PHE B 133 34.63 1.98 26.37
N LEU B 134 33.61 1.14 26.27
CA LEU B 134 33.76 -0.29 26.47
C LEU B 134 33.59 -0.85 25.06
N ASN B 135 34.68 -0.81 24.29
CA ASN B 135 34.65 -1.26 22.91
C ASN B 135 34.94 -2.72 22.58
N ASN B 136 34.40 -3.13 21.44
CA ASN B 136 34.55 -4.47 20.86
C ASN B 136 34.45 -5.69 21.76
N PHE B 137 33.22 -6.04 22.14
CA PHE B 137 33.00 -7.21 22.99
C PHE B 137 31.84 -8.04 22.44
N TYR B 138 31.69 -9.26 22.97
CA TYR B 138 30.62 -10.17 22.55
C TYR B 138 30.51 -11.30 23.57
N PRO B 139 29.29 -11.66 23.99
CA PRO B 139 27.94 -11.18 23.64
C PRO B 139 27.67 -9.70 23.92
N LYS B 140 26.46 -9.27 23.60
CA LYS B 140 26.03 -7.88 23.78
C LYS B 140 25.79 -7.49 25.24
N ASP B 141 25.44 -8.47 26.08
CA ASP B 141 25.17 -8.22 27.49
C ASP B 141 26.42 -7.83 28.27
N ILE B 142 26.39 -6.64 28.86
CA ILE B 142 27.52 -6.10 29.63
C ILE B 142 26.95 -5.12 30.66
N ASN B 143 27.75 -4.75 31.65
CA ASN B 143 27.29 -3.82 32.67
C ASN B 143 28.44 -2.94 33.16
N VAL B 144 28.23 -1.63 33.09
CA VAL B 144 29.22 -0.66 33.53
C VAL B 144 28.87 -0.26 34.96
N LYS B 145 29.83 0.30 35.68
CA LYS B 145 29.62 0.72 37.05
C LYS B 145 30.60 1.87 37.32
N TRP B 146 30.09 2.96 37.90
CA TRP B 146 30.94 4.13 38.20
C TRP B 146 31.19 4.28 39.69
N LYS B 147 32.42 4.66 40.03
CA LYS B 147 32.81 4.86 41.42
C LYS B 147 33.60 6.15 41.65
N ILE B 148 32.96 7.10 42.30
CA ILE B 148 33.59 8.38 42.63
C ILE B 148 34.17 8.25 44.03
N ASP B 149 35.50 8.25 44.13
CA ASP B 149 36.18 8.12 45.42
C ASP B 149 35.77 6.82 46.11
N GLY B 150 35.60 5.77 45.31
CA GLY B 150 35.22 4.47 45.85
C GLY B 150 33.73 4.24 46.06
N SER B 151 32.91 5.28 45.87
CA SER B 151 31.46 5.14 46.05
C SER B 151 30.70 5.01 44.73
N GLU B 152 29.87 3.97 44.63
CA GLU B 152 29.06 3.73 43.44
C GLU B 152 27.97 4.79 43.31
N ARG B 153 27.88 5.39 42.14
CA ARG B 153 26.88 6.41 41.87
C ARG B 153 25.76 5.82 41.01
N GLN B 154 24.54 5.83 41.54
CA GLN B 154 23.39 5.30 40.82
C GLN B 154 22.79 6.32 39.84
N ASN B 155 23.47 6.41 38.71
CA ASN B 155 23.13 7.27 37.59
C ASN B 155 23.57 8.73 37.62
N GLY B 156 23.37 9.37 36.48
CA GLY B 156 23.80 10.72 36.22
C GLY B 156 24.77 10.43 35.07
N VAL B 157 24.64 9.20 34.56
CA VAL B 157 25.44 8.63 33.50
C VAL B 157 24.51 8.23 32.37
N LEU B 158 24.87 8.63 31.15
CA LEU B 158 24.09 8.30 29.97
C LEU B 158 24.78 7.13 29.29
N ASN B 159 24.04 6.06 29.04
CA ASN B 159 24.58 4.88 28.40
C ASN B 159 24.09 4.81 26.96
N SER B 160 24.95 4.32 26.07
CA SER B 160 24.60 4.18 24.66
C SER B 160 25.37 3.01 24.07
N TRP B 161 24.66 2.13 23.38
CA TRP B 161 25.26 0.95 22.78
C TRP B 161 25.11 1.02 21.26
N THR B 162 26.10 0.51 20.54
CA THR B 162 26.04 0.49 19.08
C THR B 162 25.50 -0.88 18.69
N ASP B 163 25.03 -1.01 17.46
CA ASP B 163 24.55 -2.31 17.03
C ASP B 163 25.78 -3.10 16.61
N GLN B 164 25.58 -4.38 16.30
CA GLN B 164 26.66 -5.28 15.89
C GLN B 164 27.50 -4.71 14.73
N ASP B 165 28.81 -4.58 14.97
CA ASP B 165 29.74 -4.04 13.98
C ASP B 165 29.82 -4.88 12.71
N SER B 166 29.68 -4.21 11.58
CA SER B 166 29.70 -4.85 10.27
C SER B 166 31.02 -5.54 9.92
N LYS B 167 32.12 -5.07 10.50
CA LYS B 167 33.43 -5.66 10.20
C LYS B 167 33.81 -6.88 11.04
N ASP B 168 33.82 -6.73 12.37
CA ASP B 168 34.20 -7.83 13.23
C ASP B 168 33.07 -8.41 14.10
N SER B 169 31.83 -8.02 13.80
CA SER B 169 30.65 -8.51 14.52
C SER B 169 30.64 -8.32 16.03
N THR B 170 31.27 -7.27 16.53
CA THR B 170 31.30 -7.01 17.96
C THR B 170 30.34 -5.89 18.35
N TYR B 171 30.19 -5.63 19.64
CA TYR B 171 29.33 -4.57 20.13
C TYR B 171 30.21 -3.58 20.90
N SER B 172 29.70 -2.37 21.12
CA SER B 172 30.45 -1.35 21.84
C SER B 172 29.51 -0.50 22.68
N MET B 173 29.97 -0.10 23.86
CA MET B 173 29.15 0.70 24.75
C MET B 173 29.84 1.99 25.16
N SER B 174 29.06 3.04 25.36
CA SER B 174 29.57 4.33 25.77
C SER B 174 28.86 4.70 27.07
N SER B 175 29.62 5.25 28.01
CA SER B 175 29.07 5.66 29.29
C SER B 175 29.62 7.04 29.59
N THR B 176 28.74 7.95 30.01
CA THR B 176 29.14 9.31 30.29
C THR B 176 28.55 9.85 31.59
N LEU B 177 29.43 10.15 32.54
CA LEU B 177 29.04 10.71 33.84
C LEU B 177 29.18 12.23 33.71
N THR B 178 28.06 12.94 33.81
CA THR B 178 28.08 14.39 33.68
C THR B 178 27.99 15.10 35.03
N LEU B 179 28.96 15.99 35.28
CA LEU B 179 29.02 16.76 36.52
C LEU B 179 29.35 18.19 36.19
N THR B 180 29.34 19.05 37.21
CA THR B 180 29.68 20.46 37.05
C THR B 180 31.14 20.59 37.46
N LYS B 181 31.79 21.68 37.08
CA LYS B 181 33.19 21.87 37.42
C LYS B 181 33.41 21.70 38.93
N ASP B 182 32.46 22.19 39.72
CA ASP B 182 32.53 22.09 41.18
C ASP B 182 32.46 20.64 41.67
N GLU B 183 31.42 19.92 41.28
CA GLU B 183 31.24 18.52 41.69
C GLU B 183 32.46 17.70 41.31
N TYR B 184 32.97 17.97 40.11
CA TYR B 184 34.13 17.27 39.60
C TYR B 184 35.31 17.52 40.53
N GLU B 185 35.55 18.80 40.84
CA GLU B 185 36.64 19.18 41.72
C GLU B 185 36.36 18.92 43.20
N ARG B 186 35.17 18.38 43.49
CA ARG B 186 34.80 18.05 44.86
C ARG B 186 35.34 16.67 45.21
N HIS B 187 35.82 15.95 44.20
CA HIS B 187 36.37 14.61 44.40
C HIS B 187 37.66 14.49 43.59
N ASN B 188 38.25 13.30 43.55
CA ASN B 188 39.49 13.10 42.81
C ASN B 188 39.59 11.76 42.08
N SER B 189 39.12 10.70 42.74
CA SER B 189 39.17 9.36 42.17
C SER B 189 37.90 9.06 41.38
N TYR B 190 38.08 8.75 40.10
CA TYR B 190 36.97 8.41 39.21
C TYR B 190 37.29 7.09 38.55
N THR B 191 36.37 6.13 38.72
CA THR B 191 36.56 4.79 38.18
C THR B 191 35.38 4.27 37.35
N CYS B 192 35.70 3.56 36.28
CA CYS B 192 34.72 2.96 35.39
C CYS B 192 35.00 1.47 35.36
N GLU B 193 34.02 0.67 35.74
CA GLU B 193 34.18 -0.78 35.78
C GLU B 193 33.21 -1.47 34.83
N ALA B 194 33.71 -2.46 34.11
CA ALA B 194 32.90 -3.21 33.16
C ALA B 194 32.85 -4.69 33.50
N THR B 195 31.64 -5.21 33.72
CA THR B 195 31.45 -6.61 34.03
C THR B 195 30.82 -7.29 32.81
N HIS B 196 31.52 -8.28 32.27
CA HIS B 196 31.06 -9.02 31.09
C HIS B 196 31.24 -10.51 31.37
N LYS B 197 30.44 -11.35 30.71
CA LYS B 197 30.52 -12.80 30.93
C LYS B 197 31.84 -13.45 30.51
N THR B 198 32.80 -12.65 30.06
CA THR B 198 34.11 -13.17 29.65
C THR B 198 35.05 -13.30 30.85
N SER B 199 34.63 -12.76 32.00
CA SER B 199 35.42 -12.82 33.21
C SER B 199 34.60 -12.34 34.42
N THR B 200 34.91 -12.90 35.59
CA THR B 200 34.24 -12.53 36.83
C THR B 200 34.86 -11.26 37.41
N SER B 201 36.08 -10.97 36.99
CA SER B 201 36.81 -9.79 37.47
C SER B 201 36.52 -8.58 36.58
N PRO B 202 35.72 -7.63 37.08
CA PRO B 202 35.38 -6.43 36.32
C PRO B 202 36.60 -5.64 35.86
N ILE B 203 36.69 -5.39 34.56
CA ILE B 203 37.81 -4.63 34.01
C ILE B 203 37.67 -3.20 34.52
N VAL B 204 38.67 -2.74 35.25
CA VAL B 204 38.66 -1.41 35.83
C VAL B 204 39.62 -0.45 35.14
N LYS B 205 39.20 0.80 35.05
CA LYS B 205 40.00 1.88 34.45
C LYS B 205 39.69 3.10 35.32
N SER B 206 40.73 3.78 35.79
CA SER B 206 40.54 4.95 36.65
C SER B 206 41.55 6.06 36.36
N PHE B 207 41.26 7.24 36.89
CA PHE B 207 42.15 8.39 36.74
C PHE B 207 41.92 9.31 37.93
N ASN B 208 42.93 10.11 38.23
CA ASN B 208 42.85 11.05 39.35
C ASN B 208 42.86 12.46 38.78
N ARG B 209 41.96 13.30 39.29
CA ARG B 209 41.88 14.68 38.83
C ARG B 209 43.18 15.41 39.14
N ASN B 210 43.84 14.98 40.20
CA ASN B 210 45.10 15.58 40.62
C ASN B 210 46.04 14.47 41.07
N VAL C 1 -73.90 -8.73 -37.52
CA VAL C 1 -73.74 -7.50 -38.36
C VAL C 1 -72.27 -7.16 -38.28
N HIS C 2 -71.68 -6.72 -39.38
CA HIS C 2 -70.27 -6.37 -39.39
C HIS C 2 -70.01 -4.89 -39.22
N GLN C 3 -69.16 -4.55 -38.27
CA GLN C 3 -68.79 -3.16 -38.03
C GLN C 3 -67.26 -3.10 -38.10
N ALA C 4 -66.75 -2.53 -39.17
CA ALA C 4 -65.30 -2.40 -39.36
C ALA C 4 -64.76 -1.38 -38.38
N ILE C 5 -63.43 -1.30 -38.27
CA ILE C 5 -62.79 -0.34 -37.36
C ILE C 5 -63.09 1.09 -37.80
N SER C 6 -63.62 1.87 -36.86
CA SER C 6 -64.00 3.25 -37.09
C SER C 6 -62.81 4.13 -37.49
N PRO C 7 -63.02 5.04 -38.45
CA PRO C 7 -61.96 5.95 -38.91
C PRO C 7 -61.44 6.80 -37.75
N ARG C 8 -62.31 7.06 -36.77
CA ARG C 8 -61.93 7.83 -35.59
C ARG C 8 -60.91 7.03 -34.80
N THR C 9 -61.25 5.79 -34.51
CA THR C 9 -60.37 4.89 -33.76
C THR C 9 -59.03 4.76 -34.50
N LEU C 10 -59.08 4.57 -35.81
CA LEU C 10 -57.88 4.43 -36.63
C LEU C 10 -57.06 5.72 -36.63
N ASN C 11 -57.74 6.87 -36.57
CA ASN C 11 -57.04 8.16 -36.58
C ASN C 11 -56.33 8.42 -35.25
N ALA C 12 -56.96 8.02 -34.15
CA ALA C 12 -56.35 8.20 -32.83
C ALA C 12 -55.04 7.43 -32.80
N TRP C 13 -55.06 6.21 -33.32
CA TRP C 13 -53.88 5.34 -33.39
C TRP C 13 -52.72 6.09 -34.04
N VAL C 14 -53.01 6.83 -35.10
CA VAL C 14 -51.99 7.59 -35.82
C VAL C 14 -51.34 8.60 -34.89
N LYS C 15 -52.17 9.40 -34.23
CA LYS C 15 -51.68 10.42 -33.31
C LYS C 15 -50.88 9.82 -32.16
N VAL C 16 -51.31 8.65 -31.69
CA VAL C 16 -50.61 7.96 -30.61
C VAL C 16 -49.19 7.66 -31.04
N VAL C 17 -49.05 6.86 -32.11
CA VAL C 17 -47.73 6.50 -32.62
C VAL C 17 -46.93 7.75 -32.98
N GLU C 18 -47.64 8.79 -33.37
CA GLU C 18 -47.03 10.06 -33.75
C GLU C 18 -46.40 10.75 -32.55
N GLU C 19 -47.08 10.69 -31.41
CA GLU C 19 -46.58 11.32 -30.18
C GLU C 19 -45.76 10.40 -29.28
N LYS C 20 -46.36 9.28 -28.87
CA LYS C 20 -45.69 8.30 -28.01
C LYS C 20 -44.53 7.56 -28.69
N ALA C 21 -44.46 7.67 -30.02
CA ALA C 21 -43.41 7.00 -30.80
C ALA C 21 -43.38 5.50 -30.53
N PHE C 22 -42.48 5.08 -29.65
CA PHE C 22 -42.36 3.67 -29.30
C PHE C 22 -42.00 3.42 -27.85
N SER C 23 -42.43 4.32 -26.97
CA SER C 23 -42.17 4.17 -25.55
C SER C 23 -43.01 2.99 -25.07
N PRO C 24 -42.62 2.34 -23.96
CA PRO C 24 -43.37 1.20 -23.44
C PRO C 24 -44.85 1.46 -23.16
N GLU C 25 -45.24 2.74 -23.13
CA GLU C 25 -46.62 3.12 -22.86
C GLU C 25 -47.55 2.96 -24.07
N VAL C 26 -46.98 2.76 -25.25
CA VAL C 26 -47.76 2.60 -26.47
C VAL C 26 -48.55 1.29 -26.51
N ILE C 27 -47.91 0.20 -26.07
CA ILE C 27 -48.55 -1.11 -26.07
C ILE C 27 -49.93 -1.12 -25.42
N PRO C 28 -50.06 -0.59 -24.19
CA PRO C 28 -51.37 -0.56 -23.54
C PRO C 28 -52.41 0.10 -24.45
N MET C 29 -51.99 1.18 -25.11
CA MET C 29 -52.86 1.91 -26.03
C MET C 29 -53.29 0.97 -27.15
N PHE C 30 -52.31 0.39 -27.84
CA PHE C 30 -52.59 -0.53 -28.94
C PHE C 30 -53.63 -1.55 -28.56
N SER C 31 -53.50 -2.14 -27.37
CA SER C 31 -54.44 -3.14 -26.90
C SER C 31 -55.85 -2.58 -26.74
N ALA C 32 -55.96 -1.45 -26.06
CA ALA C 32 -57.26 -0.82 -25.83
C ALA C 32 -57.95 -0.47 -27.15
N LEU C 33 -57.17 0.08 -28.07
CA LEU C 33 -57.68 0.47 -29.39
C LEU C 33 -58.07 -0.74 -30.25
N SER C 34 -57.26 -1.78 -30.20
CA SER C 34 -57.48 -2.97 -31.01
C SER C 34 -58.36 -4.03 -30.34
N GLU C 35 -59.14 -3.65 -29.34
CA GLU C 35 -59.99 -4.65 -28.68
C GLU C 35 -61.08 -5.16 -29.62
N GLY C 36 -61.16 -6.49 -29.72
CA GLY C 36 -62.16 -7.14 -30.56
C GLY C 36 -62.04 -6.99 -32.06
N ALA C 37 -60.99 -6.32 -32.53
CA ALA C 37 -60.80 -6.13 -33.96
C ALA C 37 -60.49 -7.44 -34.69
N THR C 38 -60.78 -7.47 -35.99
CA THR C 38 -60.53 -8.65 -36.82
C THR C 38 -59.10 -8.58 -37.35
N PRO C 39 -58.55 -9.71 -37.81
CA PRO C 39 -57.18 -9.72 -38.33
C PRO C 39 -57.02 -8.65 -39.41
N GLN C 40 -58.09 -8.38 -40.15
CA GLN C 40 -58.07 -7.36 -41.18
C GLN C 40 -57.91 -5.98 -40.54
N ASP C 41 -58.74 -5.69 -39.55
CA ASP C 41 -58.70 -4.42 -38.84
C ASP C 41 -57.31 -4.11 -38.28
N LEU C 42 -56.72 -5.09 -37.61
CA LEU C 42 -55.39 -4.93 -37.04
C LEU C 42 -54.42 -4.49 -38.13
N ASN C 43 -54.42 -5.23 -39.23
CA ASN C 43 -53.55 -4.91 -40.36
C ASN C 43 -53.72 -3.48 -40.84
N THR C 44 -54.95 -3.00 -40.82
CA THR C 44 -55.23 -1.63 -41.25
C THR C 44 -54.42 -0.69 -40.37
N MET C 45 -54.54 -0.86 -39.06
CA MET C 45 -53.82 -0.05 -38.08
C MET C 45 -52.32 -0.09 -38.34
N LEU C 46 -51.79 -1.30 -38.49
CA LEU C 46 -50.36 -1.46 -38.75
C LEU C 46 -49.93 -0.73 -40.01
N ASN C 47 -50.68 -0.89 -41.09
CA ASN C 47 -50.34 -0.23 -42.35
C ASN C 47 -50.54 1.28 -42.27
N THR C 48 -51.31 1.71 -41.27
CA THR C 48 -51.58 3.14 -41.06
C THR C 48 -50.36 3.86 -40.46
N VAL C 49 -49.40 3.09 -39.95
CA VAL C 49 -48.21 3.66 -39.35
C VAL C 49 -47.18 4.09 -40.40
N GLY C 50 -47.05 5.40 -40.59
CA GLY C 50 -46.09 5.92 -41.54
C GLY C 50 -44.71 6.09 -40.95
N GLY C 51 -43.68 5.97 -41.80
CA GLY C 51 -42.31 6.09 -41.35
C GLY C 51 -41.93 4.92 -40.47
N HIS C 52 -40.92 5.10 -39.63
CA HIS C 52 -40.46 4.06 -38.71
C HIS C 52 -40.23 2.71 -39.40
N GLN C 53 -39.89 2.73 -40.68
CA GLN C 53 -39.70 1.50 -41.44
C GLN C 53 -38.80 0.47 -40.74
N ALA C 54 -37.84 0.96 -39.95
CA ALA C 54 -36.92 0.10 -39.22
C ALA C 54 -37.68 -0.81 -38.25
N ALA C 55 -38.48 -0.20 -37.38
CA ALA C 55 -39.26 -0.94 -36.40
C ALA C 55 -40.20 -1.92 -37.11
N MET C 56 -40.79 -1.45 -38.22
CA MET C 56 -41.72 -2.26 -38.99
C MET C 56 -41.09 -3.54 -39.53
N GLN C 57 -39.85 -3.44 -39.99
CA GLN C 57 -39.14 -4.61 -40.50
C GLN C 57 -39.16 -5.70 -39.44
N MET C 58 -38.95 -5.29 -38.18
CA MET C 58 -38.96 -6.22 -37.07
C MET C 58 -40.34 -6.83 -36.90
N LEU C 59 -41.35 -5.97 -36.73
CA LEU C 59 -42.72 -6.42 -36.54
C LEU C 59 -43.10 -7.47 -37.58
N LYS C 60 -42.78 -7.19 -38.83
CA LYS C 60 -43.07 -8.09 -39.93
C LYS C 60 -42.47 -9.48 -39.72
N GLU C 61 -41.15 -9.54 -39.64
CA GLU C 61 -40.48 -10.82 -39.46
C GLU C 61 -40.96 -11.56 -38.20
N THR C 62 -41.26 -10.81 -37.14
CA THR C 62 -41.75 -11.41 -35.90
C THR C 62 -43.06 -12.13 -36.19
N ILE C 63 -43.92 -11.49 -36.99
CA ILE C 63 -45.20 -12.07 -37.37
C ILE C 63 -44.91 -13.39 -38.07
N ASN C 64 -44.04 -13.33 -39.07
CA ASN C 64 -43.65 -14.51 -39.83
C ASN C 64 -43.14 -15.64 -38.95
N GLU C 65 -42.42 -15.29 -37.89
CA GLU C 65 -41.86 -16.29 -36.98
C GLU C 65 -42.98 -17.02 -36.25
N GLU C 66 -43.89 -16.26 -35.63
CA GLU C 66 -45.00 -16.85 -34.90
C GLU C 66 -45.94 -17.62 -35.81
N ALA C 67 -46.13 -17.12 -37.02
CA ALA C 67 -47.00 -17.77 -38.01
C ALA C 67 -46.44 -19.14 -38.37
N ALA C 68 -45.16 -19.19 -38.68
CA ALA C 68 -44.49 -20.44 -39.03
C ALA C 68 -44.62 -21.42 -37.87
N GLU C 69 -44.46 -20.91 -36.66
CA GLU C 69 -44.58 -21.72 -35.45
C GLU C 69 -45.96 -22.37 -35.39
N TRP C 70 -46.99 -21.57 -35.63
CA TRP C 70 -48.37 -22.04 -35.61
C TRP C 70 -48.56 -23.28 -36.48
N ASP C 71 -47.98 -23.26 -37.67
CA ASP C 71 -48.09 -24.38 -38.60
C ASP C 71 -47.53 -25.68 -38.07
N ARG C 72 -46.47 -25.60 -37.26
CA ARG C 72 -45.86 -26.80 -36.67
C ARG C 72 -46.80 -27.49 -35.70
N VAL C 73 -47.31 -26.73 -34.73
CA VAL C 73 -48.21 -27.28 -33.72
C VAL C 73 -49.65 -27.50 -34.23
N HIS C 74 -49.93 -27.06 -35.45
CA HIS C 74 -51.27 -27.24 -36.02
C HIS C 74 -51.24 -27.63 -37.50
N PRO C 75 -50.71 -28.83 -37.81
CA PRO C 75 -50.64 -29.31 -39.20
C PRO C 75 -51.94 -29.92 -39.72
N VAL C 76 -53.03 -29.71 -38.98
CA VAL C 76 -54.37 -30.23 -39.30
C VAL C 76 -54.44 -31.21 -40.48
N HIS C 77 -54.71 -30.70 -41.68
CA HIS C 77 -54.78 -31.53 -42.88
C HIS C 77 -54.57 -30.72 -44.15
N ALA C 78 -53.32 -30.71 -44.61
CA ALA C 78 -52.93 -29.99 -45.82
C ALA C 78 -53.57 -30.60 -47.05
N GLY C 79 -54.59 -29.93 -47.59
CA GLY C 79 -55.28 -30.41 -48.77
C GLY C 79 -56.54 -31.16 -48.40
N PRO C 80 -57.57 -30.45 -47.89
CA PRO C 80 -58.84 -31.07 -47.50
C PRO C 80 -59.64 -31.67 -48.65
N ILE C 81 -59.26 -32.87 -49.05
CA ILE C 81 -59.97 -33.56 -50.12
C ILE C 81 -61.32 -33.98 -49.54
N ALA C 82 -62.38 -33.78 -50.30
CA ALA C 82 -63.74 -34.09 -49.87
C ALA C 82 -64.16 -33.05 -48.82
N PRO C 83 -64.95 -32.06 -49.24
CA PRO C 83 -65.45 -30.98 -48.39
C PRO C 83 -66.20 -31.44 -47.14
N GLY C 84 -66.27 -30.57 -46.13
CA GLY C 84 -66.95 -30.92 -44.90
C GLY C 84 -67.71 -29.76 -44.30
N GLN C 85 -67.00 -28.81 -43.71
CA GLN C 85 -67.63 -27.65 -43.10
C GLN C 85 -66.84 -26.38 -43.37
N MET C 86 -65.69 -26.25 -42.72
CA MET C 86 -64.85 -25.07 -42.87
C MET C 86 -63.37 -25.43 -42.70
N ARG C 87 -62.54 -24.98 -43.63
CA ARG C 87 -61.11 -25.26 -43.59
C ARG C 87 -60.47 -24.64 -42.36
N GLU C 88 -59.46 -25.32 -41.83
CA GLU C 88 -58.74 -24.84 -40.66
C GLU C 88 -57.79 -23.71 -41.03
N PRO C 89 -57.76 -22.65 -40.21
CA PRO C 89 -56.91 -21.47 -40.41
C PRO C 89 -55.42 -21.73 -40.27
N ARG C 90 -54.67 -21.43 -41.33
CA ARG C 90 -53.22 -21.59 -41.32
C ARG C 90 -52.60 -20.29 -40.84
N GLY C 91 -51.30 -20.31 -40.57
CA GLY C 91 -50.61 -19.12 -40.10
C GLY C 91 -50.93 -17.88 -40.91
N SER C 92 -50.64 -17.95 -42.21
CA SER C 92 -50.87 -16.84 -43.13
C SER C 92 -52.32 -16.35 -43.11
N ASP C 93 -53.24 -17.24 -42.76
CA ASP C 93 -54.66 -16.89 -42.68
C ASP C 93 -54.91 -16.05 -41.45
N ILE C 94 -54.35 -16.47 -40.31
CA ILE C 94 -54.52 -15.73 -39.06
C ILE C 94 -53.97 -14.33 -39.26
N ALA C 95 -52.80 -14.24 -39.90
CA ALA C 95 -52.17 -12.96 -40.18
C ALA C 95 -53.05 -12.12 -41.09
N GLY C 96 -54.02 -12.76 -41.74
CA GLY C 96 -54.92 -12.05 -42.64
C GLY C 96 -54.37 -11.85 -44.04
N THR C 97 -53.19 -12.39 -44.28
CA THR C 97 -52.54 -12.26 -45.58
C THR C 97 -53.25 -13.10 -46.64
N THR C 98 -53.79 -14.25 -46.22
CA THR C 98 -54.47 -15.15 -47.13
C THR C 98 -55.85 -15.55 -46.61
N SER C 99 -56.65 -14.56 -46.22
CA SER C 99 -57.98 -14.84 -45.71
C SER C 99 -58.92 -13.67 -45.91
N THR C 100 -60.14 -13.94 -46.37
CA THR C 100 -61.11 -12.89 -46.60
C THR C 100 -61.72 -12.50 -45.26
N LEU C 101 -62.27 -11.29 -45.22
CA LEU C 101 -62.91 -10.76 -44.02
C LEU C 101 -63.98 -11.72 -43.54
N GLN C 102 -64.64 -12.38 -44.49
CA GLN C 102 -65.70 -13.34 -44.19
C GLN C 102 -65.16 -14.55 -43.46
N GLU C 103 -64.09 -15.14 -43.99
CA GLU C 103 -63.47 -16.31 -43.37
C GLU C 103 -63.05 -16.03 -41.94
N GLN C 104 -62.42 -14.87 -41.74
CA GLN C 104 -61.98 -14.45 -40.43
C GLN C 104 -63.16 -14.42 -39.47
N ILE C 105 -64.20 -13.69 -39.84
CA ILE C 105 -65.42 -13.60 -39.04
C ILE C 105 -65.99 -15.00 -38.80
N GLY C 106 -65.87 -15.84 -39.82
CA GLY C 106 -66.36 -17.20 -39.73
C GLY C 106 -65.70 -17.96 -38.61
N TRP C 107 -64.37 -17.99 -38.61
CA TRP C 107 -63.60 -18.70 -37.59
C TRP C 107 -63.92 -18.22 -36.18
N MET C 108 -64.16 -16.92 -36.03
CA MET C 108 -64.48 -16.35 -34.72
C MET C 108 -65.85 -16.77 -34.22
N THR C 109 -66.79 -16.97 -35.13
CA THR C 109 -68.14 -17.40 -34.78
C THR C 109 -68.41 -18.78 -35.37
N ASN C 110 -67.81 -19.78 -34.73
CA ASN C 110 -67.95 -21.16 -35.15
C ASN C 110 -67.85 -21.96 -33.86
N ASN C 111 -68.28 -23.22 -33.90
CA ASN C 111 -68.18 -24.05 -32.70
C ASN C 111 -67.27 -25.25 -32.96
N PRO C 112 -66.12 -25.31 -32.30
CA PRO C 112 -65.61 -24.34 -31.32
C PRO C 112 -65.03 -23.12 -32.02
N PRO C 113 -65.07 -21.94 -31.36
CA PRO C 113 -64.53 -20.72 -31.96
C PRO C 113 -62.99 -20.66 -31.97
N ILE C 114 -62.45 -20.17 -33.08
CA ILE C 114 -61.01 -20.02 -33.24
C ILE C 114 -60.80 -18.50 -33.30
N PRO C 115 -60.45 -17.89 -32.16
CA PRO C 115 -60.22 -16.43 -32.05
C PRO C 115 -58.98 -15.93 -32.79
N VAL C 116 -58.96 -16.10 -34.10
CA VAL C 116 -57.83 -15.67 -34.91
C VAL C 116 -57.50 -14.19 -34.71
N GLY C 117 -58.53 -13.38 -34.50
CA GLY C 117 -58.33 -11.96 -34.30
C GLY C 117 -57.45 -11.69 -33.09
N GLU C 118 -57.69 -12.45 -32.02
CA GLU C 118 -56.93 -12.30 -30.79
C GLU C 118 -55.54 -12.93 -30.91
N ILE C 119 -55.47 -14.08 -31.60
CA ILE C 119 -54.21 -14.78 -31.79
C ILE C 119 -53.19 -13.91 -32.51
N TYR C 120 -53.61 -13.29 -33.62
CA TYR C 120 -52.75 -12.42 -34.41
C TYR C 120 -52.30 -11.26 -33.53
N LYS C 121 -53.24 -10.70 -32.79
CA LYS C 121 -52.99 -9.58 -31.90
C LYS C 121 -51.83 -9.90 -30.97
N ARG C 122 -51.88 -11.06 -30.31
CA ARG C 122 -50.83 -11.48 -29.40
C ARG C 122 -49.47 -11.42 -30.08
N TRP C 123 -49.40 -11.94 -31.30
CA TRP C 123 -48.16 -11.94 -32.07
C TRP C 123 -47.67 -10.51 -32.29
N ILE C 124 -48.59 -9.62 -32.64
CA ILE C 124 -48.24 -8.22 -32.88
C ILE C 124 -47.64 -7.61 -31.61
N ILE C 125 -48.23 -7.95 -30.47
CA ILE C 125 -47.76 -7.45 -29.19
C ILE C 125 -46.30 -7.86 -28.97
N LEU C 126 -46.01 -9.15 -29.14
CA LEU C 126 -44.65 -9.65 -28.98
C LEU C 126 -43.70 -8.85 -29.87
N GLY C 127 -44.14 -8.59 -31.10
CA GLY C 127 -43.33 -7.82 -32.02
C GLY C 127 -43.10 -6.42 -31.50
N LEU C 128 -44.14 -5.81 -30.92
CA LEU C 128 -44.03 -4.48 -30.38
C LEU C 128 -43.05 -4.45 -29.21
N ASN C 129 -43.09 -5.47 -28.38
CA ASN C 129 -42.18 -5.56 -27.24
C ASN C 129 -40.74 -5.51 -27.73
N LYS C 130 -40.43 -6.31 -28.75
CA LYS C 130 -39.08 -6.33 -29.31
C LYS C 130 -38.66 -4.96 -29.81
N ILE C 131 -39.58 -4.25 -30.44
CA ILE C 131 -39.31 -2.91 -30.97
C ILE C 131 -38.93 -1.97 -29.84
N VAL C 132 -39.73 -1.96 -28.78
CA VAL C 132 -39.48 -1.09 -27.62
C VAL C 132 -38.08 -1.35 -27.05
N ARG C 133 -37.70 -2.62 -27.04
CA ARG C 133 -36.39 -3.03 -26.53
C ARG C 133 -35.26 -2.29 -27.26
N MET C 134 -35.23 -2.41 -28.59
CA MET C 134 -34.19 -1.76 -29.39
C MET C 134 -34.27 -0.24 -29.32
N TYR C 135 -35.36 0.28 -28.76
CA TYR C 135 -35.53 1.72 -28.63
C TYR C 135 -35.25 2.19 -27.21
N SER C 136 -35.20 1.25 -26.27
CA SER C 136 -34.93 1.56 -24.87
C SER C 136 -33.45 1.91 -24.67
N PRO C 137 -33.17 2.88 -23.80
CA PRO C 137 -31.79 3.30 -23.52
C PRO C 137 -30.96 2.20 -22.86
N THR C 138 -29.68 2.14 -23.21
CA THR C 138 -28.77 1.13 -22.67
C THR C 138 -28.38 1.40 -21.22
N SER C 139 -28.90 0.58 -20.31
CA SER C 139 -28.59 0.73 -18.88
C SER C 139 -27.27 0.03 -18.57
N ILE C 140 -26.34 0.78 -17.97
CA ILE C 140 -25.04 0.23 -17.63
C ILE C 140 -25.13 -0.80 -16.50
N LEU C 141 -26.20 -0.73 -15.72
CA LEU C 141 -26.42 -1.64 -14.61
C LEU C 141 -26.57 -3.11 -15.02
N ASP C 142 -26.76 -3.34 -16.31
CA ASP C 142 -26.93 -4.69 -16.81
C ASP C 142 -25.69 -5.27 -17.46
N ILE C 143 -24.64 -4.46 -17.57
CA ILE C 143 -23.39 -4.91 -18.16
C ILE C 143 -22.57 -5.70 -17.14
N ARG C 144 -22.68 -7.02 -17.19
CA ARG C 144 -21.95 -7.89 -16.28
C ARG C 144 -20.81 -8.53 -17.07
N GLN C 145 -19.95 -9.27 -16.40
CA GLN C 145 -18.84 -9.93 -17.06
C GLN C 145 -19.12 -11.43 -17.16
N GLY C 146 -18.89 -11.99 -18.33
CA GLY C 146 -19.12 -13.42 -18.53
C GLY C 146 -18.04 -14.22 -17.83
N PRO C 147 -18.38 -15.38 -17.26
CA PRO C 147 -17.43 -16.25 -16.54
C PRO C 147 -16.16 -16.62 -17.34
N LYS C 148 -16.22 -16.45 -18.65
CA LYS C 148 -15.06 -16.76 -19.50
C LYS C 148 -14.60 -15.53 -20.27
N GLU C 149 -15.29 -14.41 -20.08
CA GLU C 149 -14.96 -13.18 -20.77
C GLU C 149 -13.71 -12.51 -20.22
N PRO C 150 -12.75 -12.19 -21.11
CA PRO C 150 -11.49 -11.54 -20.70
C PRO C 150 -11.82 -10.18 -20.07
N PHE C 151 -11.13 -9.85 -18.98
CA PHE C 151 -11.38 -8.59 -18.28
C PHE C 151 -11.30 -7.36 -19.19
N ARG C 152 -10.32 -7.34 -20.08
CA ARG C 152 -10.19 -6.20 -21.00
C ARG C 152 -11.44 -5.98 -21.85
N ASP C 153 -11.98 -7.08 -22.37
CA ASP C 153 -13.17 -7.02 -23.19
C ASP C 153 -14.31 -6.40 -22.40
N TYR C 154 -14.50 -6.87 -21.18
CA TYR C 154 -15.53 -6.37 -20.28
C TYR C 154 -15.39 -4.85 -20.09
N VAL C 155 -14.15 -4.39 -19.90
CA VAL C 155 -13.88 -2.96 -19.72
C VAL C 155 -14.30 -2.16 -20.94
N ASP C 156 -13.92 -2.64 -22.12
CA ASP C 156 -14.28 -1.96 -23.37
C ASP C 156 -15.79 -1.75 -23.48
N ARG C 157 -16.54 -2.82 -23.22
CA ARG C 157 -17.99 -2.74 -23.27
C ARG C 157 -18.54 -1.79 -22.20
N PHE C 158 -18.08 -1.99 -20.97
CA PHE C 158 -18.52 -1.17 -19.84
C PHE C 158 -18.39 0.32 -20.17
N TYR C 159 -17.20 0.72 -20.62
CA TYR C 159 -16.96 2.11 -20.95
C TYR C 159 -17.73 2.63 -22.15
N LYS C 160 -17.98 1.74 -23.11
CA LYS C 160 -18.72 2.11 -24.31
C LYS C 160 -20.10 2.60 -23.86
N THR C 161 -20.80 1.79 -23.08
CA THR C 161 -22.11 2.14 -22.57
C THR C 161 -22.03 3.44 -21.78
N LEU C 162 -20.98 3.55 -20.98
CA LEU C 162 -20.77 4.74 -20.15
C LEU C 162 -20.76 6.00 -21.01
N ARG C 163 -20.11 5.93 -22.18
CA ARG C 163 -20.05 7.08 -23.07
C ARG C 163 -21.44 7.47 -23.56
N ALA C 164 -22.39 6.56 -23.48
CA ALA C 164 -23.75 6.82 -23.89
C ALA C 164 -24.69 6.74 -22.68
N GLU C 165 -24.44 7.58 -21.69
CA GLU C 165 -25.26 7.60 -20.48
C GLU C 165 -25.59 9.01 -20.00
N GLN C 166 -26.82 9.21 -19.55
CA GLN C 166 -27.26 10.50 -19.04
C GLN C 166 -27.22 10.49 -17.53
N ALA C 167 -26.13 11.02 -16.97
CA ALA C 167 -25.95 11.07 -15.53
C ALA C 167 -24.94 12.15 -15.16
N SER C 168 -25.04 12.67 -13.95
CA SER C 168 -24.13 13.70 -13.48
C SER C 168 -22.73 13.11 -13.33
N GLN C 169 -21.72 13.95 -13.46
CA GLN C 169 -20.33 13.51 -13.36
C GLN C 169 -20.06 12.72 -12.08
N GLU C 170 -20.74 13.10 -10.99
CA GLU C 170 -20.60 12.44 -9.71
C GLU C 170 -21.05 10.98 -9.76
N VAL C 171 -22.19 10.74 -10.39
CA VAL C 171 -22.72 9.39 -10.51
C VAL C 171 -21.81 8.55 -11.39
N LYS C 172 -21.29 9.16 -12.47
CA LYS C 172 -20.38 8.47 -13.37
C LYS C 172 -19.17 7.96 -12.60
N ASN C 173 -18.69 8.79 -11.66
CA ASN C 173 -17.54 8.42 -10.82
C ASN C 173 -17.78 7.07 -10.13
N TRP C 174 -18.91 6.96 -9.44
CA TRP C 174 -19.31 5.76 -8.73
C TRP C 174 -19.27 4.54 -9.69
N MET C 175 -19.78 4.72 -10.90
CA MET C 175 -19.81 3.66 -11.90
C MET C 175 -18.41 3.20 -12.29
N THR C 176 -17.57 4.16 -12.64
CA THR C 176 -16.19 3.89 -13.04
C THR C 176 -15.38 3.13 -11.99
N GLU C 177 -15.46 3.60 -10.74
CA GLU C 177 -14.72 3.01 -9.64
C GLU C 177 -15.31 1.73 -9.04
N THR C 178 -16.45 1.89 -8.35
CA THR C 178 -17.11 0.78 -7.68
C THR C 178 -17.87 -0.22 -8.56
N LEU C 179 -18.81 0.27 -9.35
CA LEU C 179 -19.64 -0.58 -10.21
C LEU C 179 -18.85 -1.53 -11.13
N LEU C 180 -17.87 -1.00 -11.86
CA LEU C 180 -17.07 -1.81 -12.76
C LEU C 180 -16.60 -3.08 -12.04
N VAL C 181 -16.20 -2.92 -10.78
CA VAL C 181 -15.73 -4.06 -9.98
C VAL C 181 -16.90 -4.96 -9.60
N GLN C 182 -17.99 -4.35 -9.16
CA GLN C 182 -19.19 -5.10 -8.74
C GLN C 182 -19.75 -6.09 -9.75
N ASN C 183 -19.66 -5.76 -11.04
CA ASN C 183 -20.20 -6.64 -12.07
C ASN C 183 -19.21 -7.62 -12.68
N ALA C 184 -17.98 -7.63 -12.17
CA ALA C 184 -16.97 -8.54 -12.67
C ALA C 184 -17.30 -9.94 -12.17
N ASN C 185 -16.85 -10.97 -12.90
CA ASN C 185 -17.13 -12.34 -12.50
C ASN C 185 -16.37 -12.67 -11.21
N PRO C 186 -16.86 -13.67 -10.45
CA PRO C 186 -16.28 -14.12 -9.18
C PRO C 186 -14.74 -14.16 -9.08
N ASP C 187 -14.08 -14.69 -10.09
CA ASP C 187 -12.62 -14.79 -10.06
C ASP C 187 -11.93 -13.43 -10.11
N CYS C 188 -12.24 -12.64 -11.14
CA CYS C 188 -11.63 -11.31 -11.27
C CYS C 188 -11.99 -10.44 -10.07
N LYS C 189 -13.23 -10.56 -9.61
CA LYS C 189 -13.72 -9.80 -8.47
C LYS C 189 -12.85 -10.13 -7.26
N THR C 190 -12.49 -11.40 -7.11
CA THR C 190 -11.65 -11.83 -5.99
C THR C 190 -10.27 -11.16 -6.04
N ILE C 191 -9.74 -10.98 -7.24
CA ILE C 191 -8.43 -10.35 -7.42
C ILE C 191 -8.52 -8.84 -7.23
N LEU C 192 -9.60 -8.23 -7.70
CA LEU C 192 -9.79 -6.80 -7.55
C LEU C 192 -9.94 -6.41 -6.08
N LYS C 193 -10.58 -7.28 -5.30
CA LYS C 193 -10.77 -7.03 -3.87
C LYS C 193 -9.45 -7.08 -3.12
N ALA C 194 -8.44 -7.72 -3.72
CA ALA C 194 -7.13 -7.82 -3.11
C ALA C 194 -6.35 -6.52 -3.24
N LEU C 195 -6.68 -5.73 -4.26
CA LEU C 195 -6.01 -4.45 -4.50
C LEU C 195 -6.58 -3.30 -3.65
N GLY C 196 -7.82 -3.46 -3.20
CA GLY C 196 -8.45 -2.43 -2.39
C GLY C 196 -9.29 -1.45 -3.18
N PRO C 197 -10.15 -0.68 -2.51
CA PRO C 197 -11.07 0.33 -3.04
C PRO C 197 -10.48 1.45 -3.88
N ALA C 198 -9.16 1.63 -3.84
CA ALA C 198 -8.55 2.72 -4.59
C ALA C 198 -7.63 2.35 -5.74
N ALA C 199 -7.60 1.09 -6.15
CA ALA C 199 -6.73 0.69 -7.24
C ALA C 199 -7.11 1.42 -8.54
N THR C 200 -6.14 1.65 -9.41
CA THR C 200 -6.40 2.33 -10.68
C THR C 200 -6.88 1.34 -11.73
N LEU C 201 -7.50 1.86 -12.80
CA LEU C 201 -8.00 1.01 -13.86
C LEU C 201 -6.87 0.19 -14.49
N GLU C 202 -5.77 0.86 -14.83
CA GLU C 202 -4.62 0.20 -15.44
C GLU C 202 -4.15 -0.96 -14.56
N GLU C 203 -4.09 -0.71 -13.26
CA GLU C 203 -3.66 -1.72 -12.30
C GLU C 203 -4.60 -2.91 -12.31
N MET C 204 -5.90 -2.65 -12.30
CA MET C 204 -6.91 -3.70 -12.31
C MET C 204 -6.76 -4.60 -13.54
N MET C 205 -6.60 -3.98 -14.71
CA MET C 205 -6.46 -4.72 -15.95
C MET C 205 -5.22 -5.61 -15.93
N THR C 206 -4.11 -5.07 -15.46
CA THR C 206 -2.87 -5.84 -15.37
C THR C 206 -3.02 -7.01 -14.40
N ALA C 207 -3.86 -6.83 -13.39
CA ALA C 207 -4.09 -7.87 -12.39
C ALA C 207 -5.02 -8.96 -12.89
N CYS C 208 -5.97 -8.61 -13.74
CA CYS C 208 -6.92 -9.59 -14.25
C CYS C 208 -6.69 -10.04 -15.69
N GLN C 209 -5.44 -9.96 -16.16
CA GLN C 209 -5.12 -10.37 -17.53
C GLN C 209 -4.61 -11.82 -17.52
N GLY C 210 -5.43 -12.70 -16.95
CA GLY C 210 -5.08 -14.11 -16.86
C GLY C 210 -6.26 -14.94 -16.36
#